data_9JNF
#
_entry.id   9JNF
#
_cell.length_a   36.112
_cell.length_b   50.672
_cell.length_c   130.339
_cell.angle_alpha   90
_cell.angle_beta   92.521
_cell.angle_gamma   90
#
_symmetry.space_group_name_H-M   'P 1 21 1'
#
loop_
_entity.id
_entity.type
_entity.pdbx_description
1 polymer beta-lactamase
2 non-polymer '(2S,3R,4S)-4-({(3S,5S)-5-[(3-carboxyphenyl)carbamoyl]pyrrolidin-3-yl}sulfanyl)-2-[(1S,2R)-1-formyl-2-hydroxypropyl]-3-methyl-3,4-dihydro-2H-pyrrole-5-carboxylic acid'
3 non-polymer DI(HYDROXYETHYL)ETHER
4 non-polymer 1,2-ETHANEDIOL
5 non-polymer 'CHLORIDE ION'
6 water water
#
_entity_poly.entity_id   1
_entity_poly.type   'polypeptide(L)'
_entity_poly.pdbx_seq_one_letter_code
;MGNKSDAAAKQIKKLEEDFDGRIGVFAIDTGSGNTFGYRSDERFPLCSSFKGFLAAAVLERVQQKKLDINQKVKYESRDL
EYHSPITTKYKGSGMTLGDMASAALQYSDNGATNIIMERFLGGPEGMTKFMRSIGDNEFRLDRWALELNTAIPGDKRDTS
TPKAVANSLNKLALGNVLNAKVKAIYQNWLKGNTTGDARIRASVPADWVVGDKTGSCGAYGTANDYAVIWPKNRAPLIVS
IYTTRKSKDDKHSDKTIAEASRIAIQAIDHHHHHH
;
_entity_poly.pdbx_strand_id   A,B
#
# COMPACT_ATOMS: atom_id res chain seq x y z
N ASN A 3 -4.22 -44.36 1.84
CA ASN A 3 -4.52 -44.87 3.20
C ASN A 3 -3.79 -44.04 4.27
N LYS A 4 -2.70 -43.32 3.91
CA LYS A 4 -2.06 -42.39 4.85
C LYS A 4 -3.12 -41.37 5.28
N SER A 5 -3.76 -40.73 4.29
CA SER A 5 -4.84 -39.79 4.51
C SER A 5 -5.94 -40.32 5.45
N ASP A 6 -6.45 -41.52 5.17
CA ASP A 6 -7.60 -42.14 5.79
C ASP A 6 -7.30 -42.42 7.27
N ALA A 7 -6.05 -42.79 7.57
CA ALA A 7 -5.69 -43.05 8.95
C ALA A 7 -5.51 -41.73 9.71
N ALA A 8 -4.91 -40.70 9.08
CA ALA A 8 -4.83 -39.37 9.66
C ALA A 8 -6.21 -38.83 10.07
N ALA A 9 -7.19 -38.98 9.19
CA ALA A 9 -8.51 -38.46 9.45
C ALA A 9 -9.14 -39.18 10.65
N LYS A 10 -8.92 -40.48 10.77
CA LYS A 10 -9.48 -41.18 11.92
C LYS A 10 -8.94 -40.61 13.22
N GLN A 11 -7.68 -40.20 13.19
CA GLN A 11 -6.98 -39.79 14.39
C GLN A 11 -7.41 -38.36 14.75
N ILE A 12 -7.58 -37.49 13.73
CA ILE A 12 -8.11 -36.16 14.02
C ILE A 12 -9.50 -36.30 14.63
N LYS A 13 -10.31 -37.15 14.01
CA LYS A 13 -11.69 -37.35 14.41
C LYS A 13 -11.78 -37.81 15.88
N LYS A 14 -10.88 -38.70 16.29
CA LYS A 14 -10.87 -39.23 17.64
C LYS A 14 -10.47 -38.12 18.60
N LEU A 15 -9.54 -37.28 18.15
CA LEU A 15 -9.04 -36.17 18.95
C LEU A 15 -10.13 -35.13 19.19
N GLU A 16 -11.01 -34.94 18.21
CA GLU A 16 -12.03 -33.92 18.40
C GLU A 16 -13.14 -34.45 19.32
N GLU A 17 -13.43 -35.74 19.26
CA GLU A 17 -14.51 -36.26 20.11
C GLU A 17 -14.09 -36.28 21.56
N ASP A 18 -12.82 -36.57 21.77
CA ASP A 18 -12.18 -36.65 23.08
C ASP A 18 -12.22 -35.33 23.84
N PHE A 19 -11.95 -34.18 23.18
CA PHE A 19 -12.04 -32.95 23.96
C PHE A 19 -13.37 -32.25 23.64
N ASP A 20 -14.30 -32.96 22.98
CA ASP A 20 -15.69 -32.53 22.72
C ASP A 20 -15.75 -31.26 21.88
N GLY A 21 -15.15 -31.28 20.69
CA GLY A 21 -14.96 -30.03 20.02
C GLY A 21 -14.72 -30.25 18.54
N ARG A 22 -13.94 -29.37 17.95
CA ARG A 22 -14.05 -29.36 16.51
C ARG A 22 -12.71 -28.95 15.95
N ILE A 23 -12.10 -29.80 15.10
CA ILE A 23 -10.75 -29.52 14.66
C ILE A 23 -10.74 -29.40 13.14
N GLY A 24 -10.01 -28.40 12.68
CA GLY A 24 -9.85 -28.13 11.26
C GLY A 24 -8.38 -28.08 10.88
N VAL A 25 -8.05 -28.84 9.82
CA VAL A 25 -6.65 -29.08 9.48
C VAL A 25 -6.50 -28.96 7.97
N PHE A 26 -5.48 -28.22 7.56
CA PHE A 26 -4.92 -28.40 6.24
C PHE A 26 -3.40 -28.31 6.32
N ALA A 27 -2.71 -29.19 5.59
CA ALA A 27 -1.24 -29.24 5.62
C ALA A 27 -0.74 -29.50 4.22
N ILE A 28 0.40 -28.87 3.86
CA ILE A 28 0.99 -28.88 2.53
C ILE A 28 2.47 -29.25 2.59
N ASP A 29 2.86 -30.31 1.86
CA ASP A 29 4.27 -30.46 1.59
C ASP A 29 4.53 -29.78 0.25
N THR A 30 5.26 -28.67 0.23
CA THR A 30 5.59 -28.02 -1.03
C THR A 30 6.55 -28.88 -1.84
N GLY A 31 7.23 -29.82 -1.18
CA GLY A 31 8.18 -30.67 -1.88
C GLY A 31 7.48 -31.56 -2.90
N SER A 32 6.20 -31.84 -2.74
CA SER A 32 5.55 -32.93 -3.43
C SER A 32 4.20 -32.47 -3.99
N GLY A 33 3.65 -31.36 -3.43
CA GLY A 33 2.27 -31.00 -3.64
C GLY A 33 1.33 -31.81 -2.76
N ASN A 34 1.86 -32.74 -1.95
CA ASN A 34 1.01 -33.60 -1.12
C ASN A 34 0.21 -32.76 -0.14
N THR A 35 -1.10 -33.05 -0.02
CA THR A 35 -1.87 -32.31 0.98
C THR A 35 -2.64 -33.28 1.86
N PHE A 36 -3.06 -32.75 3.00
CA PHE A 36 -4.03 -33.41 3.86
C PHE A 36 -4.93 -32.34 4.47
N GLY A 37 -6.25 -32.53 4.38
CA GLY A 37 -7.18 -31.68 5.07
C GLY A 37 -8.18 -32.56 5.83
N TYR A 38 -8.63 -32.06 6.97
CA TYR A 38 -9.78 -32.57 7.66
C TYR A 38 -10.63 -31.34 8.03
N ARG A 39 -11.91 -31.36 7.66
CA ARG A 39 -12.79 -30.23 7.83
C ARG A 39 -12.12 -29.02 7.19
N SER A 40 -11.34 -29.26 6.13
CA SER A 40 -10.47 -28.19 5.64
C SER A 40 -11.24 -27.05 4.96
N ASP A 41 -12.53 -27.22 4.69
CA ASP A 41 -13.33 -26.15 4.07
C ASP A 41 -14.40 -25.62 5.02
N GLU A 42 -14.48 -26.14 6.26
CA GLU A 42 -15.38 -25.51 7.22
C GLU A 42 -14.79 -24.21 7.80
N ARG A 43 -15.66 -23.33 8.32
CA ARG A 43 -15.25 -22.03 8.82
C ARG A 43 -14.92 -22.15 10.31
N PHE A 44 -13.87 -21.42 10.73
CA PHE A 44 -13.34 -21.36 12.08
C PHE A 44 -12.90 -19.94 12.42
N PRO A 45 -13.18 -19.45 13.66
CA PRO A 45 -12.81 -18.08 14.05
C PRO A 45 -11.33 -17.82 13.79
N LEU A 46 -10.93 -16.64 13.28
CA LEU A 46 -9.51 -16.33 13.17
C LEU A 46 -8.85 -16.04 14.54
N CYS A 47 -9.55 -15.44 15.50
CA CYS A 47 -8.92 -14.82 16.66
C CYS A 47 -7.72 -13.99 16.18
N SER A 48 -6.60 -14.09 16.87
CA SER A 48 -5.52 -13.17 16.58
C SER A 48 -4.73 -13.66 15.38
N SER A 49 -5.16 -14.77 14.76
CA SER A 49 -4.28 -15.33 13.77
C SER A 49 -4.19 -14.44 12.54
N PHE A 50 -5.19 -13.58 12.32
CA PHE A 50 -5.06 -12.71 11.17
C PHE A 50 -3.88 -11.72 11.33
N LYS A 51 -3.30 -11.65 12.53
CA LYS A 51 -2.24 -10.66 12.69
C LYS A 51 -1.08 -10.99 11.78
N GLY A 52 -0.93 -12.29 11.54
CA GLY A 52 0.03 -12.84 10.61
C GLY A 52 -0.11 -12.26 9.20
N PHE A 53 -1.36 -12.12 8.72
CA PHE A 53 -1.65 -11.56 7.43
C PHE A 53 -1.54 -10.06 7.57
N LEU A 54 -1.94 -9.60 8.74
CA LEU A 54 -1.86 -8.15 8.91
C LEU A 54 -0.45 -7.67 8.56
N ALA A 55 0.57 -8.41 9.02
CA ALA A 55 1.95 -7.97 8.97
C ALA A 55 2.41 -8.04 7.52
N ALA A 56 1.82 -8.99 6.79
CA ALA A 56 2.16 -9.20 5.41
C ALA A 56 1.58 -8.07 4.55
N ALA A 57 0.36 -7.65 4.87
CA ALA A 57 -0.23 -6.46 4.23
C ALA A 57 0.64 -5.22 4.40
N VAL A 58 1.15 -5.01 5.60
CA VAL A 58 2.05 -3.87 5.81
C VAL A 58 3.28 -3.98 4.88
N LEU A 59 3.81 -5.20 4.76
CA LEU A 59 5.06 -5.32 4.06
C LEU A 59 4.83 -5.17 2.57
N GLU A 60 3.69 -5.68 2.12
CA GLU A 60 3.20 -5.43 0.78
C GLU A 60 3.12 -3.92 0.52
N ARG A 61 2.50 -3.17 1.42
CA ARG A 61 2.42 -1.71 1.19
C ARG A 61 3.80 -1.04 1.17
N VAL A 62 4.77 -1.52 1.96
CA VAL A 62 6.13 -1.00 2.00
C VAL A 62 6.83 -1.31 0.67
N GLN A 63 6.59 -2.54 0.18
CA GLN A 63 7.11 -3.00 -1.10
C GLN A 63 6.72 -2.00 -2.21
N GLN A 64 5.42 -1.68 -2.24
CA GLN A 64 4.76 -0.77 -3.16
C GLN A 64 5.17 0.68 -2.92
N LYS A 65 5.87 0.95 -1.80
CA LYS A 65 6.37 2.26 -1.42
C LYS A 65 5.20 3.20 -1.04
N LYS A 66 4.02 2.64 -0.76
CA LYS A 66 2.98 3.43 -0.11
C LYS A 66 3.33 3.73 1.35
N LEU A 67 4.30 3.01 1.94
CA LEU A 67 4.75 3.17 3.32
C LEU A 67 6.27 2.96 3.44
N ASP A 68 6.87 3.56 4.49
CA ASP A 68 8.27 3.35 4.86
C ASP A 68 8.39 2.50 6.14
N ILE A 69 9.23 1.45 6.07
CA ILE A 69 9.34 0.47 7.13
C ILE A 69 9.84 1.16 8.42
N ASN A 70 10.67 2.20 8.25
CA ASN A 70 11.27 2.94 9.33
C ASN A 70 10.49 4.21 9.69
N GLN A 71 9.35 4.49 9.06
CA GLN A 71 8.60 5.67 9.48
C GLN A 71 8.19 5.51 10.97
N LYS A 72 7.96 6.64 11.65
CA LYS A 72 7.73 6.69 13.07
C LYS A 72 6.23 6.62 13.26
N VAL A 73 5.74 5.74 14.14
CA VAL A 73 4.32 5.72 14.34
C VAL A 73 4.07 6.13 15.79
N LYS A 74 3.58 7.37 15.95
CA LYS A 74 3.32 7.99 17.23
C LYS A 74 1.85 7.74 17.64
N TYR A 75 1.61 7.47 18.94
CA TYR A 75 0.27 7.20 19.42
C TYR A 75 0.15 7.59 20.89
N GLU A 76 0.76 8.71 21.29
CA GLU A 76 1.07 8.95 22.69
C GLU A 76 -0.17 9.23 23.54
N SER A 77 -1.28 9.56 22.90
CA SER A 77 -2.47 9.86 23.68
C SER A 77 -3.38 8.66 23.76
N ARG A 78 -3.12 7.65 22.92
CA ARG A 78 -4.08 6.58 22.74
C ARG A 78 -4.39 5.87 24.06
N ASP A 79 -5.62 5.43 24.26
CA ASP A 79 -5.84 4.46 25.33
C ASP A 79 -5.62 3.09 24.72
N LEU A 80 -4.47 2.48 24.98
CA LEU A 80 -4.09 1.20 24.39
C LEU A 80 -4.98 0.07 24.85
N GLU A 81 -5.42 -0.74 23.88
CA GLU A 81 -6.23 -1.93 24.08
C GLU A 81 -5.47 -2.91 24.98
N TYR A 82 -6.20 -3.67 25.78
CA TYR A 82 -5.66 -4.75 26.59
C TYR A 82 -4.82 -5.65 25.69
N HIS A 83 -3.75 -6.19 26.24
CA HIS A 83 -2.83 -7.06 25.55
C HIS A 83 -2.10 -6.33 24.40
N SER A 84 -1.56 -5.17 24.76
CA SER A 84 -0.62 -4.44 23.92
C SER A 84 0.72 -4.37 24.66
N PRO A 85 1.46 -5.48 24.87
CA PRO A 85 2.67 -5.42 25.69
C PRO A 85 3.89 -4.81 25.00
N ILE A 86 3.89 -4.65 23.67
CA ILE A 86 5.01 -3.93 23.07
C ILE A 86 4.71 -2.43 22.97
N THR A 87 3.48 -2.12 22.61
CA THR A 87 3.16 -0.74 22.38
C THR A 87 3.16 0.04 23.69
N THR A 88 2.72 -0.56 24.82
CA THR A 88 2.75 0.13 26.09
C THR A 88 4.17 0.66 26.36
N LYS A 89 5.20 -0.15 26.05
CA LYS A 89 6.55 0.24 26.40
C LYS A 89 7.05 1.36 25.50
N TYR A 90 6.40 1.63 24.35
CA TYR A 90 6.93 2.73 23.55
C TYR A 90 5.95 3.87 23.43
N LYS A 91 4.94 3.84 24.31
CA LYS A 91 3.91 4.85 24.32
C LYS A 91 4.54 6.22 24.04
N GLY A 92 5.50 6.62 24.89
CA GLY A 92 6.00 7.98 24.89
C GLY A 92 6.77 8.40 23.63
N SER A 93 7.38 7.43 22.95
CA SER A 93 8.40 7.71 21.94
C SER A 93 8.01 7.22 20.53
N GLY A 94 7.02 6.32 20.44
CA GLY A 94 6.61 5.78 19.14
C GLY A 94 7.46 4.57 18.72
N MET A 95 7.09 3.98 17.57
CA MET A 95 7.77 2.80 17.05
C MET A 95 7.91 2.95 15.55
N THR A 96 8.99 2.40 15.00
CA THR A 96 8.97 2.31 13.56
C THR A 96 7.79 1.44 13.16
N LEU A 97 7.24 1.72 11.96
CA LEU A 97 6.22 0.86 11.42
C LEU A 97 6.67 -0.61 11.49
N GLY A 98 7.86 -0.93 10.96
CA GLY A 98 8.32 -2.33 10.97
C GLY A 98 8.20 -3.00 12.35
N ASP A 99 8.63 -2.26 13.38
CA ASP A 99 8.61 -2.76 14.74
C ASP A 99 7.19 -2.97 15.23
N MET A 100 6.31 -2.06 14.83
CA MET A 100 4.93 -2.12 15.27
C MET A 100 4.27 -3.35 14.71
N ALA A 101 4.58 -3.64 13.45
CA ALA A 101 3.92 -4.69 12.70
C ALA A 101 4.44 -6.06 13.13
N SER A 102 5.75 -6.16 13.41
CA SER A 102 6.27 -7.41 13.89
C SER A 102 5.73 -7.71 15.30
N ALA A 103 5.53 -6.64 16.10
CA ALA A 103 5.01 -6.74 17.45
C ALA A 103 3.59 -7.29 17.38
N ALA A 104 2.75 -6.72 16.50
CA ALA A 104 1.46 -7.29 16.23
C ALA A 104 1.62 -8.77 15.97
N LEU A 105 2.50 -9.13 15.04
CA LEU A 105 2.71 -10.54 14.71
C LEU A 105 3.19 -11.35 15.91
N GLN A 106 4.36 -10.97 16.46
CA GLN A 106 5.14 -11.89 17.27
C GLN A 106 4.67 -11.91 18.73
N TYR A 107 3.84 -10.94 19.15
CA TYR A 107 3.37 -10.82 20.53
C TYR A 107 1.85 -10.60 20.57
N SER A 108 1.24 -10.61 19.39
CA SER A 108 -0.21 -10.48 19.30
C SER A 108 -0.63 -9.16 19.96
N ASP A 109 0.06 -8.05 19.64
CA ASP A 109 -0.14 -6.74 20.26
C ASP A 109 -1.38 -6.07 19.66
N ASN A 110 -2.48 -6.06 20.43
CA ASN A 110 -3.74 -5.54 19.91
C ASN A 110 -3.63 -4.05 19.55
N GLY A 111 -2.90 -3.26 20.34
CA GLY A 111 -2.70 -1.85 20.12
C GLY A 111 -1.98 -1.62 18.80
N ALA A 112 -0.90 -2.36 18.56
CA ALA A 112 -0.20 -2.38 17.28
C ALA A 112 -1.17 -2.71 16.14
N THR A 113 -2.04 -3.70 16.39
CA THR A 113 -2.99 -4.15 15.39
C THR A 113 -3.97 -3.03 15.07
N ASN A 114 -4.72 -2.54 16.05
CA ASN A 114 -5.75 -1.58 15.68
C ASN A 114 -5.14 -0.34 15.02
N ILE A 115 -3.96 0.07 15.48
CA ILE A 115 -3.38 1.29 14.95
C ILE A 115 -3.07 1.08 13.48
N ILE A 116 -2.45 -0.06 13.18
CA ILE A 116 -2.05 -0.37 11.83
C ILE A 116 -3.29 -0.41 10.94
N MET A 117 -4.33 -1.13 11.41
CA MET A 117 -5.56 -1.30 10.63
C MET A 117 -6.32 0.02 10.53
N GLU A 118 -6.14 0.92 11.50
CA GLU A 118 -6.85 2.18 11.34
C GLU A 118 -6.11 3.12 10.39
N ARG A 119 -4.79 3.16 10.37
CA ARG A 119 -4.17 4.28 9.64
C ARG A 119 -3.67 3.87 8.26
N PHE A 120 -3.36 2.58 8.09
CA PHE A 120 -2.59 2.12 6.96
C PHE A 120 -3.41 1.13 6.11
N LEU A 121 -4.41 0.44 6.67
CA LEU A 121 -4.94 -0.74 6.03
C LEU A 121 -6.42 -0.67 5.64
N GLY A 122 -7.10 0.40 6.02
CA GLY A 122 -8.54 0.50 5.74
C GLY A 122 -9.40 -0.37 6.67
N GLY A 123 -8.92 -0.74 7.85
CA GLY A 123 -9.82 -1.35 8.81
C GLY A 123 -10.08 -2.81 8.45
N PRO A 124 -11.04 -3.48 9.10
CA PRO A 124 -11.40 -4.84 8.72
C PRO A 124 -11.72 -5.10 7.25
N GLU A 125 -12.42 -4.19 6.59
CA GLU A 125 -12.70 -4.37 5.18
C GLU A 125 -11.43 -4.33 4.31
N GLY A 126 -10.44 -3.48 4.64
CA GLY A 126 -9.20 -3.42 3.86
C GLY A 126 -8.33 -4.66 4.03
N MET A 127 -8.40 -5.30 5.23
CA MET A 127 -7.70 -6.54 5.49
C MET A 127 -8.30 -7.66 4.63
N THR A 128 -9.62 -7.78 4.66
CA THR A 128 -10.34 -8.64 3.75
C THR A 128 -9.95 -8.35 2.28
N LYS A 129 -9.90 -7.08 1.87
CA LYS A 129 -9.47 -6.70 0.52
C LYS A 129 -8.06 -7.23 0.20
N PHE A 130 -7.15 -7.18 1.17
CA PHE A 130 -5.81 -7.63 0.87
C PHE A 130 -5.80 -9.14 0.56
N MET A 131 -6.52 -9.91 1.38
CA MET A 131 -6.70 -11.34 1.24
C MET A 131 -7.31 -11.69 -0.11
N ARG A 132 -8.31 -10.92 -0.54
CA ARG A 132 -8.87 -11.10 -1.87
C ARG A 132 -7.79 -10.93 -2.95
N SER A 133 -6.93 -9.91 -2.76
CA SER A 133 -5.97 -9.50 -3.78
C SER A 133 -4.92 -10.58 -3.96
N ILE A 134 -4.85 -11.58 -3.04
CA ILE A 134 -3.90 -12.68 -3.24
C ILE A 134 -4.67 -13.97 -3.56
N GLY A 135 -5.98 -13.81 -3.78
CA GLY A 135 -6.87 -14.86 -4.24
C GLY A 135 -7.43 -15.69 -3.08
N ASP A 136 -7.57 -15.07 -1.91
CA ASP A 136 -8.24 -15.71 -0.78
C ASP A 136 -9.69 -15.21 -0.68
N ASN A 137 -10.62 -16.11 -1.03
CA ASN A 137 -12.04 -15.79 -1.09
C ASN A 137 -12.75 -16.27 0.19
N GLU A 138 -12.02 -16.91 1.11
CA GLU A 138 -12.68 -17.42 2.31
C GLU A 138 -12.52 -16.41 3.45
N PHE A 139 -11.32 -15.86 3.61
CA PHE A 139 -11.00 -14.99 4.74
C PHE A 139 -12.01 -13.84 4.80
N ARG A 140 -12.52 -13.51 6.01
CA ARG A 140 -13.25 -12.25 6.21
C ARG A 140 -13.00 -11.67 7.61
N LEU A 141 -12.46 -10.46 7.68
CA LEU A 141 -12.39 -9.84 8.99
C LEU A 141 -13.47 -8.75 9.11
N ASP A 142 -14.21 -8.77 10.23
CA ASP A 142 -15.44 -8.02 10.35
C ASP A 142 -15.33 -6.91 11.38
N ARG A 143 -14.63 -7.18 12.49
CA ARG A 143 -14.62 -6.35 13.68
C ARG A 143 -13.16 -6.10 14.05
N TRP A 144 -12.90 -5.23 15.03
CA TRP A 144 -11.55 -4.77 15.37
C TRP A 144 -10.94 -5.68 16.45
N ALA A 145 -9.69 -5.41 16.82
CA ALA A 145 -8.86 -6.45 17.41
C ALA A 145 -9.55 -7.09 18.62
N LEU A 146 -10.31 -6.33 19.40
CA LEU A 146 -10.72 -6.92 20.65
C LEU A 146 -12.10 -7.52 20.51
N GLU A 147 -12.83 -7.18 19.44
CA GLU A 147 -14.26 -7.44 19.39
CA GLU A 147 -14.26 -7.46 19.41
C GLU A 147 -14.51 -8.70 18.56
N LEU A 148 -13.44 -9.26 17.97
CA LEU A 148 -13.55 -10.34 17.00
C LEU A 148 -13.24 -11.72 17.60
N ASN A 149 -13.38 -11.88 18.92
CA ASN A 149 -13.07 -13.15 19.56
C ASN A 149 -14.28 -13.74 20.24
N THR A 150 -15.46 -13.38 19.79
CA THR A 150 -16.67 -13.96 20.37
C THR A 150 -16.83 -15.43 19.96
N ALA A 151 -16.24 -15.85 18.82
CA ALA A 151 -16.26 -17.25 18.38
C ALA A 151 -17.59 -17.97 18.64
N ILE A 152 -18.71 -17.28 18.44
CA ILE A 152 -20.03 -17.88 18.43
C ILE A 152 -20.09 -18.96 17.36
N PRO A 153 -20.55 -20.18 17.74
CA PRO A 153 -20.71 -21.25 16.75
C PRO A 153 -21.74 -20.75 15.71
N GLY A 154 -21.34 -20.85 14.42
CA GLY A 154 -22.20 -20.61 13.28
C GLY A 154 -22.10 -19.16 12.80
N ASP A 155 -21.38 -18.32 13.54
CA ASP A 155 -21.29 -16.93 13.14
C ASP A 155 -20.16 -16.74 12.12
N LYS A 156 -20.42 -16.19 10.95
CA LYS A 156 -19.36 -16.22 9.94
C LYS A 156 -18.37 -15.08 10.12
N ARG A 157 -18.71 -14.07 10.94
CA ARG A 157 -17.86 -12.90 11.14
C ARG A 157 -16.48 -13.34 11.65
N ASP A 158 -15.39 -12.87 11.01
CA ASP A 158 -14.06 -13.08 11.53
C ASP A 158 -13.64 -14.57 11.46
N THR A 159 -14.05 -15.24 10.35
CA THR A 159 -13.75 -16.64 10.12
C THR A 159 -12.91 -16.75 8.84
N SER A 160 -12.16 -17.83 8.75
CA SER A 160 -11.60 -18.33 7.50
C SER A 160 -11.81 -19.85 7.53
N THR A 161 -11.06 -20.60 6.69
CA THR A 161 -11.03 -22.05 6.69
C THR A 161 -9.56 -22.44 6.80
N PRO A 162 -9.24 -23.58 7.44
CA PRO A 162 -7.86 -24.05 7.45
C PRO A 162 -7.19 -24.07 6.06
N LYS A 163 -7.94 -24.38 5.02
CA LYS A 163 -7.40 -24.53 3.67
C LYS A 163 -6.95 -23.18 3.13
N ALA A 164 -7.87 -22.23 3.23
CA ALA A 164 -7.66 -20.85 2.83
C ALA A 164 -6.43 -20.32 3.56
N VAL A 165 -6.39 -20.62 4.84
CA VAL A 165 -5.34 -20.03 5.66
C VAL A 165 -3.99 -20.53 5.16
N ALA A 166 -3.85 -21.85 4.97
CA ALA A 166 -2.62 -22.49 4.53
C ALA A 166 -2.21 -21.97 3.14
N ASN A 167 -3.17 -21.97 2.21
CA ASN A 167 -2.86 -21.55 0.85
C ASN A 167 -2.23 -20.16 0.93
N SER A 168 -2.96 -19.27 1.62
CA SER A 168 -2.56 -17.88 1.79
C SER A 168 -1.19 -17.81 2.43
N LEU A 169 -0.97 -18.57 3.52
CA LEU A 169 0.34 -18.54 4.18
C LEU A 169 1.45 -18.91 3.17
N ASN A 170 1.16 -19.92 2.35
CA ASN A 170 2.01 -20.38 1.26
C ASN A 170 2.34 -19.25 0.28
N LYS A 171 1.29 -18.61 -0.29
CA LYS A 171 1.54 -17.50 -1.21
C LYS A 171 2.44 -16.44 -0.53
N LEU A 172 2.28 -16.22 0.76
CA LEU A 172 2.85 -15.03 1.40
C LEU A 172 4.26 -15.28 1.90
N ALA A 173 4.39 -16.45 2.57
CA ALA A 173 5.61 -16.94 3.19
C ALA A 173 6.58 -17.45 2.14
N LEU A 174 6.05 -18.13 1.11
CA LEU A 174 6.90 -18.92 0.22
C LEU A 174 6.74 -18.42 -1.22
N GLY A 175 5.56 -17.89 -1.56
CA GLY A 175 5.27 -17.55 -2.93
C GLY A 175 5.87 -16.20 -3.29
N ASN A 176 5.17 -15.48 -4.15
CA ASN A 176 5.74 -14.38 -4.93
C ASN A 176 4.92 -13.11 -4.72
N VAL A 177 4.08 -13.09 -3.67
CA VAL A 177 3.40 -11.87 -3.26
C VAL A 177 4.45 -10.82 -2.85
N LEU A 178 5.48 -11.25 -2.11
CA LEU A 178 6.51 -10.35 -1.59
C LEU A 178 7.79 -10.63 -2.36
N ASN A 179 8.56 -9.61 -2.75
CA ASN A 179 9.80 -9.82 -3.48
C ASN A 179 10.77 -10.55 -2.54
N ALA A 180 12.04 -10.69 -2.91
CA ALA A 180 12.97 -11.48 -2.10
C ALA A 180 13.31 -10.81 -0.75
N LYS A 181 13.71 -9.54 -0.79
CA LYS A 181 14.14 -8.86 0.43
C LYS A 181 13.01 -8.85 1.47
N VAL A 182 11.77 -8.66 0.97
CA VAL A 182 10.63 -8.36 1.82
C VAL A 182 10.08 -9.65 2.39
N LYS A 183 9.99 -10.63 1.52
CA LYS A 183 9.65 -11.98 1.92
C LYS A 183 10.57 -12.45 3.05
N ALA A 184 11.90 -12.23 2.90
CA ALA A 184 12.87 -12.60 3.93
C ALA A 184 12.49 -12.00 5.30
N ILE A 185 12.13 -10.73 5.30
CA ILE A 185 11.77 -10.09 6.55
C ILE A 185 10.49 -10.74 7.09
N TYR A 186 9.52 -11.01 6.19
CA TYR A 186 8.28 -11.61 6.66
C TYR A 186 8.59 -12.93 7.37
N GLN A 187 9.42 -13.77 6.73
CA GLN A 187 9.81 -15.05 7.33
C GLN A 187 10.52 -14.82 8.67
N ASN A 188 11.45 -13.89 8.68
CA ASN A 188 12.10 -13.66 9.96
C ASN A 188 11.05 -13.30 11.01
N TRP A 189 10.07 -12.48 10.68
CA TRP A 189 9.09 -12.12 11.68
C TRP A 189 8.34 -13.35 12.19
N LEU A 190 7.99 -14.24 11.25
CA LEU A 190 7.25 -15.41 11.64
C LEU A 190 8.11 -16.25 12.57
N LYS A 191 9.38 -16.34 12.19
CA LYS A 191 10.31 -17.22 12.89
C LYS A 191 10.47 -16.75 14.33
N GLY A 192 10.28 -15.43 14.59
CA GLY A 192 10.51 -14.94 15.94
C GLY A 192 9.23 -14.83 16.77
N ASN A 193 8.16 -15.49 16.33
CA ASN A 193 6.91 -15.35 17.04
C ASN A 193 7.12 -15.93 18.42
N THR A 194 6.49 -15.37 19.47
CA THR A 194 6.87 -15.81 20.80
C THR A 194 5.70 -16.47 21.54
N THR A 195 4.53 -16.57 20.91
CA THR A 195 3.38 -17.13 21.60
C THR A 195 3.04 -18.57 21.21
N GLY A 196 3.93 -19.29 20.46
CA GLY A 196 3.56 -20.54 19.78
C GLY A 196 4.32 -21.79 20.25
N ASP A 197 5.04 -21.67 21.37
CA ASP A 197 5.89 -22.77 21.85
C ASP A 197 5.09 -24.06 22.10
N ALA A 198 3.81 -23.95 22.55
CA ALA A 198 3.11 -25.17 22.94
C ALA A 198 2.21 -25.69 21.80
N ARG A 199 2.39 -25.18 20.58
CA ARG A 199 1.47 -25.56 19.51
C ARG A 199 2.18 -26.36 18.40
N ILE A 200 2.24 -25.79 17.17
CA ILE A 200 2.91 -26.46 16.09
C ILE A 200 4.41 -26.64 16.38
N ARG A 201 5.05 -25.68 17.05
CA ARG A 201 6.43 -25.84 17.47
C ARG A 201 6.68 -27.13 18.28
N ALA A 202 5.78 -27.50 19.21
CA ALA A 202 5.91 -28.62 20.12
C ALA A 202 5.75 -29.92 19.34
N SER A 203 5.34 -29.82 18.07
CA SER A 203 5.07 -31.01 17.27
C SER A 203 6.24 -31.39 16.37
N VAL A 204 7.33 -30.65 16.36
CA VAL A 204 8.32 -30.92 15.33
C VAL A 204 9.70 -31.15 15.93
N PRO A 205 10.58 -31.92 15.27
CA PRO A 205 11.94 -32.06 15.75
C PRO A 205 12.51 -30.68 16.06
N ALA A 206 13.35 -30.64 17.11
CA ALA A 206 13.89 -29.40 17.63
C ALA A 206 14.95 -28.77 16.72
N ASP A 207 15.33 -29.45 15.63
CA ASP A 207 16.19 -28.87 14.58
C ASP A 207 15.37 -28.51 13.34
N TRP A 208 14.04 -28.54 13.47
CA TRP A 208 13.26 -27.85 12.46
C TRP A 208 13.13 -26.36 12.78
N VAL A 209 13.16 -25.52 11.74
CA VAL A 209 12.86 -24.10 11.92
C VAL A 209 11.39 -23.85 11.60
N VAL A 210 10.77 -23.02 12.45
CA VAL A 210 9.37 -22.70 12.37
C VAL A 210 9.15 -21.19 12.45
N GLY A 211 8.26 -20.69 11.58
CA GLY A 211 7.59 -19.41 11.73
C GLY A 211 6.08 -19.62 11.89
N ASP A 212 5.43 -18.87 12.80
CA ASP A 212 4.03 -19.19 13.07
C ASP A 212 3.33 -17.93 13.54
N LYS A 213 1.98 -17.99 13.53
CA LYS A 213 1.16 -17.04 14.28
C LYS A 213 0.04 -17.81 15.00
N THR A 214 -0.18 -17.53 16.28
CA THR A 214 -1.23 -18.21 17.03
C THR A 214 -2.48 -17.36 17.04
N GLY A 215 -3.56 -17.90 17.60
CA GLY A 215 -4.75 -17.15 17.95
C GLY A 215 -5.39 -17.82 19.16
N SER A 216 -5.93 -17.01 20.11
CA SER A 216 -6.69 -17.53 21.24
C SER A 216 -7.85 -16.60 21.57
N CYS A 217 -9.04 -17.05 21.21
CA CYS A 217 -10.25 -16.25 21.30
C CYS A 217 -10.59 -16.02 22.77
N GLY A 218 -10.22 -16.95 23.67
CA GLY A 218 -10.69 -16.95 25.04
C GLY A 218 -12.20 -17.25 25.10
N ALA A 219 -12.76 -17.82 24.05
CA ALA A 219 -14.20 -18.11 24.12
C ALA A 219 -14.48 -19.36 23.30
N TYR A 220 -15.30 -20.28 23.85
CA TYR A 220 -15.58 -21.52 23.17
C TYR A 220 -14.30 -22.36 23.02
N GLY A 221 -13.32 -22.16 23.94
CA GLY A 221 -12.07 -22.89 23.86
C GLY A 221 -11.40 -22.73 22.48
N THR A 222 -11.55 -21.55 21.87
CA THR A 222 -11.17 -21.46 20.47
C THR A 222 -9.70 -21.03 20.32
N ALA A 223 -8.92 -21.80 19.59
CA ALA A 223 -7.52 -21.51 19.42
C ALA A 223 -7.02 -22.09 18.10
N ASN A 224 -5.91 -21.56 17.56
CA ASN A 224 -5.41 -22.00 16.27
C ASN A 224 -3.91 -21.74 16.15
N ASP A 225 -3.27 -22.41 15.18
CA ASP A 225 -1.94 -21.99 14.84
C ASP A 225 -1.74 -22.23 13.35
N TYR A 226 -0.92 -21.40 12.71
CA TYR A 226 -0.47 -21.79 11.39
C TYR A 226 1.02 -21.49 11.24
N ALA A 227 1.72 -22.37 10.49
CA ALA A 227 3.18 -22.40 10.49
C ALA A 227 3.69 -22.67 9.09
N VAL A 228 4.80 -22.03 8.76
CA VAL A 228 5.76 -22.45 7.76
C VAL A 228 6.88 -23.17 8.53
N ILE A 229 7.23 -24.37 8.03
CA ILE A 229 8.18 -25.30 8.64
C ILE A 229 9.25 -25.64 7.60
N TRP A 230 10.51 -25.41 7.99
CA TRP A 230 11.70 -25.79 7.22
C TRP A 230 12.37 -27.02 7.81
N PRO A 231 12.05 -28.28 7.40
CA PRO A 231 12.66 -29.47 7.99
C PRO A 231 14.12 -29.56 7.59
N LYS A 232 14.89 -30.40 8.28
CA LYS A 232 16.32 -30.42 8.04
C LYS A 232 16.54 -31.02 6.65
N ASN A 233 17.02 -30.18 5.71
CA ASN A 233 17.37 -30.62 4.36
C ASN A 233 16.17 -31.24 3.62
N ARG A 234 15.10 -30.44 3.38
CA ARG A 234 13.89 -30.81 2.64
C ARG A 234 13.06 -29.55 2.33
N ALA A 235 12.04 -29.67 1.46
CA ALA A 235 11.20 -28.53 1.11
C ALA A 235 10.35 -28.10 2.30
N PRO A 236 10.09 -26.79 2.47
CA PRO A 236 9.15 -26.32 3.50
C PRO A 236 7.79 -27.03 3.48
N LEU A 237 7.16 -27.17 4.66
CA LEU A 237 5.78 -27.61 4.80
C LEU A 237 4.94 -26.42 5.27
N ILE A 238 3.63 -26.43 5.02
CA ILE A 238 2.73 -25.46 5.60
C ILE A 238 1.74 -26.27 6.44
N VAL A 239 1.49 -25.81 7.67
CA VAL A 239 0.52 -26.47 8.55
C VAL A 239 -0.39 -25.37 9.12
N SER A 240 -1.70 -25.66 9.05
CA SER A 240 -2.78 -24.80 9.46
C SER A 240 -3.70 -25.63 10.36
N ILE A 241 -3.90 -25.20 11.63
CA ILE A 241 -4.70 -25.95 12.60
C ILE A 241 -5.67 -25.01 13.31
N TYR A 242 -6.99 -25.22 13.15
CA TYR A 242 -7.99 -24.40 13.85
C TYR A 242 -8.87 -25.30 14.69
N THR A 243 -9.26 -24.83 15.89
CA THR A 243 -10.14 -25.65 16.71
C THR A 243 -11.15 -24.77 17.42
N THR A 244 -12.25 -25.37 17.87
CA THR A 244 -13.15 -24.68 18.80
C THR A 244 -13.80 -25.78 19.62
N ARG A 245 -14.63 -25.40 20.60
CA ARG A 245 -15.29 -26.38 21.45
C ARG A 245 -16.74 -26.01 21.65
N LYS A 246 -17.49 -27.00 22.21
CA LYS A 246 -18.93 -26.98 22.30
C LYS A 246 -19.44 -25.85 23.20
N SER A 247 -18.75 -25.48 24.30
CA SER A 247 -19.34 -24.61 25.32
C SER A 247 -18.60 -23.30 25.49
N LYS A 248 -19.34 -22.22 25.76
CA LYS A 248 -18.73 -20.90 25.76
C LYS A 248 -17.49 -20.90 26.64
N ASP A 249 -17.62 -21.63 27.77
CA ASP A 249 -16.79 -21.56 28.95
C ASP A 249 -15.59 -22.50 28.88
N ASP A 250 -15.57 -23.40 27.88
CA ASP A 250 -14.47 -24.35 27.62
C ASP A 250 -13.21 -23.55 27.32
N LYS A 251 -12.06 -23.98 27.85
CA LYS A 251 -10.79 -23.32 27.60
C LYS A 251 -10.11 -23.97 26.40
N HIS A 252 -9.14 -23.29 25.77
CA HIS A 252 -8.54 -23.86 24.59
C HIS A 252 -7.60 -25.01 25.00
N SER A 253 -7.10 -25.80 24.01
CA SER A 253 -6.21 -26.95 24.27
C SER A 253 -4.96 -26.90 23.38
N ASP A 254 -3.86 -26.37 23.91
CA ASP A 254 -2.55 -26.36 23.25
C ASP A 254 -2.11 -27.77 22.79
N LYS A 255 -2.49 -28.78 23.56
CA LYS A 255 -1.98 -30.10 23.33
C LYS A 255 -2.76 -30.71 22.19
N THR A 256 -4.03 -30.31 22.05
CA THR A 256 -4.84 -30.79 20.98
C THR A 256 -4.27 -30.21 19.69
N ILE A 257 -3.97 -28.91 19.69
CA ILE A 257 -3.40 -28.27 18.52
C ILE A 257 -2.07 -28.95 18.19
N ALA A 258 -1.20 -29.16 19.21
CA ALA A 258 0.09 -29.78 19.01
C ALA A 258 -0.04 -31.19 18.42
N GLU A 259 -1.02 -31.94 18.93
CA GLU A 259 -1.21 -33.33 18.52
C GLU A 259 -1.76 -33.38 17.10
N ALA A 260 -2.71 -32.49 16.80
CA ALA A 260 -3.30 -32.48 15.49
C ALA A 260 -2.22 -32.08 14.48
N SER A 261 -1.27 -31.23 14.92
CA SER A 261 -0.22 -30.87 14.02
C SER A 261 0.63 -32.12 13.70
N ARG A 262 0.88 -32.96 14.71
CA ARG A 262 1.80 -34.06 14.49
C ARG A 262 1.14 -34.99 13.47
N ILE A 263 -0.15 -35.24 13.69
CA ILE A 263 -1.00 -36.03 12.82
C ILE A 263 -0.98 -35.49 11.39
N ALA A 264 -1.07 -34.18 11.23
CA ALA A 264 -1.18 -33.58 9.91
C ALA A 264 0.14 -33.75 9.17
N ILE A 265 1.25 -33.55 9.90
CA ILE A 265 2.58 -33.61 9.32
C ILE A 265 2.90 -35.06 8.90
N GLN A 266 2.41 -36.06 9.64
CA GLN A 266 2.73 -37.40 9.18
C GLN A 266 1.91 -37.79 7.97
N ALA A 267 0.68 -37.29 7.90
CA ALA A 267 -0.22 -37.50 6.77
C ALA A 267 0.40 -37.08 5.43
N ILE A 268 1.23 -36.03 5.41
CA ILE A 268 1.78 -35.43 4.20
C ILE A 268 3.27 -35.76 4.08
N ASP A 269 3.77 -36.69 4.91
CA ASP A 269 5.20 -36.97 4.95
C ASP A 269 5.44 -38.35 4.32
N ASN B 3 22.70 -4.39 -12.57
CA ASN B 3 23.30 -3.59 -13.67
C ASN B 3 22.27 -2.57 -14.15
N LYS B 4 20.97 -2.94 -14.14
CA LYS B 4 19.82 -2.17 -14.60
C LYS B 4 20.02 -0.69 -14.27
N SER B 5 20.17 -0.42 -12.98
CA SER B 5 20.36 0.94 -12.46
C SER B 5 21.51 1.71 -13.15
N ASP B 6 22.69 1.08 -13.23
CA ASP B 6 23.95 1.69 -13.66
C ASP B 6 23.88 2.03 -15.16
N ALA B 7 23.17 1.20 -15.92
CA ALA B 7 23.07 1.43 -17.35
C ALA B 7 22.07 2.55 -17.61
N ALA B 8 20.92 2.57 -16.91
CA ALA B 8 19.91 3.58 -17.20
C ALA B 8 20.43 4.99 -16.91
N ALA B 9 21.19 5.12 -15.81
CA ALA B 9 21.84 6.37 -15.44
C ALA B 9 22.77 6.88 -16.56
N LYS B 10 23.56 5.99 -17.17
CA LYS B 10 24.45 6.39 -18.26
C LYS B 10 23.65 7.01 -19.42
N GLN B 11 22.47 6.43 -19.66
CA GLN B 11 21.62 6.79 -20.78
C GLN B 11 20.95 8.12 -20.51
N ILE B 12 20.50 8.35 -19.28
CA ILE B 12 19.96 9.64 -18.88
C ILE B 12 21.03 10.70 -19.06
N LYS B 13 22.24 10.41 -18.61
CA LYS B 13 23.29 11.39 -18.63
C LYS B 13 23.66 11.76 -20.08
N LYS B 14 23.61 10.81 -21.03
CA LYS B 14 23.92 11.11 -22.41
C LYS B 14 22.77 11.95 -22.98
N LEU B 15 21.55 11.69 -22.52
CA LEU B 15 20.38 12.42 -23.00
C LEU B 15 20.36 13.85 -22.46
N GLU B 16 20.94 14.08 -21.28
CA GLU B 16 20.93 15.43 -20.73
C GLU B 16 22.02 16.25 -21.39
N GLU B 17 23.13 15.61 -21.80
CA GLU B 17 24.17 16.41 -22.42
C GLU B 17 23.75 16.88 -23.81
N ASP B 18 23.05 15.97 -24.49
CA ASP B 18 22.41 16.15 -25.79
C ASP B 18 21.43 17.34 -25.79
N PHE B 19 20.50 17.46 -24.82
CA PHE B 19 19.64 18.64 -24.87
C PHE B 19 20.18 19.80 -24.05
N ASP B 20 21.41 19.62 -23.50
CA ASP B 20 22.19 20.66 -22.82
C ASP B 20 21.45 21.20 -21.59
N GLY B 21 21.03 20.34 -20.68
CA GLY B 21 20.29 20.84 -19.54
C GLY B 21 20.24 19.78 -18.44
N ARG B 22 19.17 19.74 -17.66
CA ARG B 22 19.24 18.91 -16.47
C ARG B 22 18.07 17.93 -16.43
N ILE B 23 18.35 16.61 -16.27
CA ILE B 23 17.22 15.70 -16.21
C ILE B 23 17.05 15.04 -14.85
N GLY B 24 15.82 15.05 -14.34
CA GLY B 24 15.51 14.45 -13.05
C GLY B 24 14.42 13.38 -13.17
N VAL B 25 14.73 12.21 -12.60
CA VAL B 25 13.94 11.02 -12.81
C VAL B 25 13.77 10.30 -11.48
N PHE B 26 12.54 9.95 -11.13
CA PHE B 26 12.32 8.80 -10.27
C PHE B 26 11.15 7.97 -10.80
N ALA B 27 11.32 6.66 -10.80
CA ALA B 27 10.31 5.70 -11.28
C ALA B 27 10.15 4.53 -10.30
N ILE B 28 8.92 4.00 -10.18
CA ILE B 28 8.54 2.96 -9.23
C ILE B 28 7.71 1.89 -9.95
N ASP B 29 8.12 0.63 -9.81
CA ASP B 29 7.26 -0.46 -10.18
C ASP B 29 6.58 -0.89 -8.90
N THR B 30 5.27 -0.63 -8.82
CA THR B 30 4.59 -0.81 -7.55
C THR B 30 4.37 -2.28 -7.31
N GLY B 31 4.57 -3.13 -8.33
CA GLY B 31 4.48 -4.58 -8.18
C GLY B 31 5.66 -5.18 -7.40
N SER B 32 6.89 -4.83 -7.78
CA SER B 32 8.09 -5.45 -7.23
C SER B 32 8.80 -4.52 -6.23
N GLY B 33 8.50 -3.25 -6.28
CA GLY B 33 9.18 -2.30 -5.41
C GLY B 33 10.46 -1.80 -6.08
N ASN B 34 10.76 -2.30 -7.30
CA ASN B 34 11.97 -1.80 -7.97
C ASN B 34 11.84 -0.29 -8.20
N THR B 35 12.95 0.42 -8.00
CA THR B 35 12.98 1.85 -8.26
C THR B 35 14.20 2.16 -9.10
N PHE B 36 14.21 3.37 -9.62
CA PHE B 36 15.31 3.96 -10.34
C PHE B 36 15.16 5.47 -10.18
N GLY B 37 16.22 6.12 -9.77
CA GLY B 37 16.28 7.57 -9.68
C GLY B 37 17.57 8.03 -10.37
N TYR B 38 17.46 9.20 -10.99
CA TYR B 38 18.61 9.92 -11.44
C TYR B 38 18.36 11.38 -11.08
N ARG B 39 19.30 11.95 -10.31
CA ARG B 39 19.19 13.28 -9.76
C ARG B 39 17.84 13.38 -9.07
N SER B 40 17.44 12.25 -8.50
CA SER B 40 16.11 12.09 -7.94
C SER B 40 15.93 12.92 -6.68
N ASP B 41 17.00 13.48 -6.15
CA ASP B 41 16.90 14.36 -4.98
C ASP B 41 17.25 15.81 -5.27
N GLU B 42 17.59 16.16 -6.51
CA GLU B 42 17.84 17.57 -6.77
C GLU B 42 16.51 18.34 -6.89
N ARG B 43 16.54 19.68 -6.74
CA ARG B 43 15.32 20.46 -6.83
C ARG B 43 15.10 20.90 -8.28
N PHE B 44 13.83 20.85 -8.73
CA PHE B 44 13.36 21.28 -10.05
C PHE B 44 12.09 22.13 -9.90
N PRO B 45 11.89 23.19 -10.76
CA PRO B 45 10.63 23.96 -10.77
C PRO B 45 9.43 23.03 -10.91
N LEU B 46 8.34 23.26 -10.17
CA LEU B 46 7.11 22.50 -10.41
C LEU B 46 6.38 22.91 -11.71
N CYS B 47 6.44 24.19 -12.12
CA CYS B 47 5.51 24.75 -13.11
C CYS B 47 4.09 24.29 -12.77
N SER B 48 3.34 23.86 -13.78
CA SER B 48 1.92 23.64 -13.55
C SER B 48 1.67 22.31 -12.87
N SER B 49 2.75 21.54 -12.62
CA SER B 49 2.49 20.16 -12.27
C SER B 49 1.84 20.05 -10.89
N PHE B 50 2.03 21.03 -10.02
CA PHE B 50 1.36 20.92 -8.73
C PHE B 50 -0.18 20.92 -8.89
N LYS B 51 -0.67 21.35 -10.04
CA LYS B 51 -2.11 21.37 -10.20
C LYS B 51 -2.73 20.00 -9.98
N GLY B 52 -1.92 18.98 -10.30
CA GLY B 52 -2.31 17.61 -10.06
C GLY B 52 -2.56 17.35 -8.56
N PHE B 53 -1.71 17.91 -7.69
CA PHE B 53 -1.93 17.69 -6.26
C PHE B 53 -3.01 18.68 -5.83
N LEU B 54 -3.02 19.82 -6.48
CA LEU B 54 -4.10 20.72 -6.14
C LEU B 54 -5.47 20.01 -6.19
N ALA B 55 -5.68 19.15 -7.21
CA ALA B 55 -6.95 18.46 -7.41
C ALA B 55 -7.23 17.44 -6.30
N ALA B 56 -6.15 16.83 -5.82
CA ALA B 56 -6.28 15.86 -4.76
C ALA B 56 -6.58 16.55 -3.41
N ALA B 57 -5.99 17.72 -3.19
CA ALA B 57 -6.37 18.54 -2.03
C ALA B 57 -7.85 18.84 -2.00
N VAL B 58 -8.39 19.33 -3.14
CA VAL B 58 -9.83 19.58 -3.22
C VAL B 58 -10.63 18.31 -2.83
N LEU B 59 -10.16 17.15 -3.30
CA LEU B 59 -10.95 15.95 -3.17
C LEU B 59 -10.90 15.50 -1.71
N GLU B 60 -9.72 15.65 -1.10
CA GLU B 60 -9.59 15.43 0.32
C GLU B 60 -10.56 16.32 1.09
N ARG B 61 -10.60 17.63 0.78
CA ARG B 61 -11.57 18.48 1.47
C ARG B 61 -13.02 18.04 1.27
N VAL B 62 -13.39 17.56 0.06
CA VAL B 62 -14.74 17.08 -0.26
C VAL B 62 -15.07 15.82 0.55
N GLN B 63 -14.08 14.92 0.60
CA GLN B 63 -14.15 13.69 1.38
C GLN B 63 -14.41 14.02 2.86
N GLN B 64 -13.69 15.01 3.41
CA GLN B 64 -13.82 15.46 4.79
C GLN B 64 -15.09 16.26 4.99
N LYS B 65 -15.83 16.49 3.90
CA LYS B 65 -17.13 17.17 3.88
C LYS B 65 -16.97 18.64 4.29
N LYS B 66 -15.76 19.17 4.17
CA LYS B 66 -15.50 20.60 4.32
C LYS B 66 -15.96 21.34 3.07
N LEU B 67 -16.25 20.62 1.97
CA LEU B 67 -16.61 21.20 0.68
C LEU B 67 -17.57 20.24 0.00
N ASP B 68 -18.37 20.74 -0.95
CA ASP B 68 -19.26 19.92 -1.77
C ASP B 68 -18.79 19.98 -3.23
N ILE B 69 -18.69 18.81 -3.85
CA ILE B 69 -18.05 18.76 -5.15
C ILE B 69 -18.91 19.45 -6.19
N ASN B 70 -20.22 19.50 -5.93
CA ASN B 70 -21.22 20.08 -6.80
C ASN B 70 -21.45 21.56 -6.51
N GLN B 71 -20.80 22.14 -5.47
CA GLN B 71 -21.08 23.54 -5.20
C GLN B 71 -20.69 24.42 -6.40
N LYS B 72 -21.36 25.60 -6.49
CA LYS B 72 -21.22 26.53 -7.61
C LYS B 72 -20.05 27.43 -7.31
N VAL B 73 -19.13 27.60 -8.26
CA VAL B 73 -18.08 28.56 -8.01
C VAL B 73 -18.22 29.66 -9.06
N LYS B 74 -18.73 30.82 -8.58
CA LYS B 74 -18.94 32.01 -9.39
C LYS B 74 -17.70 32.91 -9.48
N TYR B 75 -17.43 33.44 -10.69
CA TYR B 75 -16.26 34.30 -10.82
C TYR B 75 -16.45 35.32 -11.93
N GLU B 76 -17.67 35.86 -12.05
CA GLU B 76 -18.13 36.54 -13.26
C GLU B 76 -17.34 37.85 -13.48
N SER B 77 -16.81 38.41 -12.38
CA SER B 77 -16.16 39.70 -12.50
C SER B 77 -14.67 39.54 -12.64
N ARG B 78 -14.16 38.34 -12.36
CA ARG B 78 -12.72 38.13 -12.31
C ARG B 78 -12.05 38.57 -13.63
N ASP B 79 -10.86 39.16 -13.54
CA ASP B 79 -10.08 39.23 -14.78
C ASP B 79 -9.24 37.96 -14.85
N LEU B 80 -9.70 37.01 -15.68
CA LEU B 80 -9.13 35.67 -15.77
C LEU B 80 -7.70 35.66 -16.32
N GLU B 81 -6.86 34.92 -15.60
CA GLU B 81 -5.44 34.78 -15.85
C GLU B 81 -5.21 34.22 -17.24
N TYR B 82 -4.12 34.61 -17.88
CA TYR B 82 -3.60 33.92 -19.05
C TYR B 82 -3.64 32.40 -18.86
N HIS B 83 -4.01 31.68 -19.92
CA HIS B 83 -4.12 30.22 -19.96
C HIS B 83 -5.17 29.69 -18.98
N SER B 84 -6.38 30.24 -19.10
CA SER B 84 -7.56 29.69 -18.45
C SER B 84 -8.54 29.22 -19.53
N PRO B 85 -8.25 28.18 -20.35
CA PRO B 85 -9.14 27.83 -21.45
C PRO B 85 -10.51 27.32 -21.03
N ILE B 86 -10.67 26.77 -19.82
CA ILE B 86 -11.98 26.20 -19.48
C ILE B 86 -12.79 27.23 -18.70
N THR B 87 -12.13 27.95 -17.81
CA THR B 87 -12.87 28.90 -17.01
C THR B 87 -13.40 30.04 -17.90
N THR B 88 -12.60 30.48 -18.91
CA THR B 88 -13.09 31.51 -19.82
C THR B 88 -14.40 31.04 -20.45
N LYS B 89 -14.49 29.76 -20.82
CA LYS B 89 -15.72 29.31 -21.46
C LYS B 89 -16.92 29.58 -20.54
N TYR B 90 -16.79 29.34 -19.22
CA TYR B 90 -17.94 29.20 -18.35
C TYR B 90 -18.24 30.49 -17.58
N LYS B 91 -17.43 31.55 -17.77
CA LYS B 91 -17.46 32.75 -16.93
C LYS B 91 -18.88 33.18 -16.49
N GLY B 92 -19.83 33.36 -17.42
CA GLY B 92 -21.16 33.88 -17.08
C GLY B 92 -22.01 33.01 -16.14
N SER B 93 -21.70 31.70 -16.05
CA SER B 93 -22.58 30.71 -15.45
C SER B 93 -21.98 29.98 -14.23
N GLY B 94 -20.68 30.10 -14.00
CA GLY B 94 -20.02 29.40 -12.91
C GLY B 94 -19.62 27.96 -13.25
N MET B 95 -18.92 27.28 -12.30
CA MET B 95 -18.51 25.89 -12.46
C MET B 95 -18.64 25.16 -11.12
N THR B 96 -18.97 23.88 -11.21
CA THR B 96 -18.97 23.13 -9.98
C THR B 96 -17.51 23.10 -9.49
N LEU B 97 -17.34 23.02 -8.18
CA LEU B 97 -16.03 22.86 -7.60
C LEU B 97 -15.27 21.70 -8.27
N GLY B 98 -15.92 20.51 -8.38
CA GLY B 98 -15.20 19.38 -8.95
C GLY B 98 -14.76 19.70 -10.38
N ASP B 99 -15.59 20.39 -11.14
CA ASP B 99 -15.29 20.64 -12.56
C ASP B 99 -14.12 21.63 -12.65
N MET B 100 -14.11 22.59 -11.75
CA MET B 100 -13.04 23.57 -11.78
C MET B 100 -11.73 22.90 -11.45
N ALA B 101 -11.75 21.97 -10.50
CA ALA B 101 -10.56 21.25 -10.06
C ALA B 101 -10.03 20.32 -11.14
N SER B 102 -10.92 19.59 -11.83
CA SER B 102 -10.44 18.71 -12.89
C SER B 102 -9.93 19.54 -14.08
N ALA B 103 -10.49 20.74 -14.27
CA ALA B 103 -10.07 21.62 -15.35
C ALA B 103 -8.65 22.09 -15.04
N ALA B 104 -8.41 22.52 -13.80
CA ALA B 104 -7.06 22.81 -13.35
C ALA B 104 -6.15 21.66 -13.73
N LEU B 105 -6.53 20.44 -13.29
CA LEU B 105 -5.77 19.25 -13.62
C LEU B 105 -5.62 19.08 -15.14
N GLN B 106 -6.75 18.88 -15.87
CA GLN B 106 -6.68 18.21 -17.16
C GLN B 106 -6.26 19.19 -18.27
N TYR B 107 -6.36 20.49 -18.00
CA TYR B 107 -6.10 21.53 -19.02
C TYR B 107 -5.15 22.58 -18.52
N SER B 108 -4.72 22.40 -17.28
CA SER B 108 -3.74 23.30 -16.71
C SER B 108 -4.34 24.72 -16.70
N ASP B 109 -5.61 24.84 -16.27
CA ASP B 109 -6.36 26.10 -16.24
C ASP B 109 -5.92 27.01 -15.11
N ASN B 110 -5.13 28.05 -15.39
CA ASN B 110 -4.65 28.92 -14.31
C ASN B 110 -5.76 29.60 -13.50
N GLY B 111 -6.84 30.03 -14.16
CA GLY B 111 -7.99 30.70 -13.53
C GLY B 111 -8.64 29.79 -12.49
N ALA B 112 -8.88 28.53 -12.87
CA ALA B 112 -9.36 27.46 -11.99
C ALA B 112 -8.44 27.28 -10.77
N THR B 113 -7.14 27.31 -11.07
CA THR B 113 -6.11 27.06 -10.08
C THR B 113 -6.14 28.16 -9.04
N ASN B 114 -5.96 29.41 -9.48
CA ASN B 114 -5.81 30.48 -8.50
C ASN B 114 -7.10 30.63 -7.69
N ILE B 115 -8.26 30.39 -8.34
CA ILE B 115 -9.51 30.62 -7.65
C ILE B 115 -9.63 29.60 -6.52
N ILE B 116 -9.30 28.35 -6.84
CA ILE B 116 -9.43 27.29 -5.89
C ILE B 116 -8.51 27.62 -4.70
N MET B 117 -7.25 28.02 -5.00
CA MET B 117 -6.29 28.22 -3.92
C MET B 117 -6.60 29.52 -3.17
N GLU B 118 -7.35 30.44 -3.80
CA GLU B 118 -7.70 31.60 -3.00
C GLU B 118 -8.86 31.31 -2.07
N ARG B 119 -9.84 30.50 -2.41
CA ARG B 119 -11.00 30.47 -1.54
C ARG B 119 -11.04 29.24 -0.63
N PHE B 120 -10.39 28.16 -1.08
CA PHE B 120 -10.64 26.82 -0.55
C PHE B 120 -9.40 26.16 0.02
N LEU B 121 -8.21 26.60 -0.40
CA LEU B 121 -7.02 25.83 -0.06
C LEU B 121 -6.02 26.63 0.78
N GLY B 122 -6.30 27.90 1.09
CA GLY B 122 -5.33 28.69 1.84
C GLY B 122 -4.09 29.14 1.04
N GLY B 123 -4.18 29.26 -0.30
CA GLY B 123 -3.10 29.89 -1.03
C GLY B 123 -1.96 28.91 -1.24
N PRO B 124 -0.84 29.33 -1.86
CA PRO B 124 0.41 28.57 -1.77
C PRO B 124 0.81 27.91 -0.44
N GLU B 125 0.67 28.59 0.69
CA GLU B 125 1.06 27.96 1.95
C GLU B 125 0.13 26.78 2.33
N GLY B 126 -1.19 26.87 2.08
CA GLY B 126 -2.08 25.74 2.31
C GLY B 126 -1.83 24.54 1.40
N MET B 127 -1.36 24.76 0.16
CA MET B 127 -0.99 23.69 -0.75
C MET B 127 0.21 22.94 -0.16
N THR B 128 1.24 23.70 0.20
CA THR B 128 2.39 23.20 0.94
C THR B 128 1.94 22.42 2.18
N LYS B 129 1.02 22.99 2.97
CA LYS B 129 0.56 22.27 4.17
C LYS B 129 -0.10 20.94 3.79
N PHE B 130 -0.83 20.88 2.67
CA PHE B 130 -1.49 19.64 2.32
C PHE B 130 -0.45 18.55 2.02
N MET B 131 0.59 18.90 1.25
CA MET B 131 1.68 18.03 0.90
C MET B 131 2.44 17.58 2.17
N ARG B 132 2.66 18.46 3.14
CA ARG B 132 3.21 18.06 4.44
C ARG B 132 2.37 16.96 5.07
N SER B 133 1.04 17.16 5.03
CA SER B 133 0.08 16.32 5.73
C SER B 133 0.13 14.89 5.16
N ILE B 134 0.74 14.68 3.97
CA ILE B 134 0.76 13.34 3.38
C ILE B 134 2.17 12.77 3.44
N GLY B 135 3.06 13.50 4.12
CA GLY B 135 4.41 13.05 4.36
C GLY B 135 5.40 13.60 3.34
N ASP B 136 5.02 14.63 2.55
CA ASP B 136 5.92 15.21 1.55
C ASP B 136 6.63 16.45 2.13
N ASN B 137 7.94 16.31 2.38
CA ASN B 137 8.72 17.37 2.97
C ASN B 137 9.56 18.09 1.93
N GLU B 138 9.48 17.71 0.65
CA GLU B 138 10.31 18.41 -0.34
C GLU B 138 9.53 19.52 -1.05
N PHE B 139 8.28 19.19 -1.43
CA PHE B 139 7.37 20.10 -2.10
C PHE B 139 7.29 21.41 -1.33
N ARG B 140 7.32 22.53 -2.09
CA ARG B 140 6.97 23.84 -1.58
C ARG B 140 6.31 24.68 -2.68
N LEU B 141 5.13 25.23 -2.41
CA LEU B 141 4.61 26.18 -3.37
C LEU B 141 4.60 27.57 -2.74
N ASP B 142 5.14 28.56 -3.45
CA ASP B 142 5.46 29.85 -2.86
C ASP B 142 4.63 30.95 -3.52
N ARG B 143 4.36 30.82 -4.82
CA ARG B 143 3.73 31.89 -5.58
C ARG B 143 2.45 31.35 -6.24
N TRP B 144 1.75 32.25 -6.93
CA TRP B 144 0.48 31.92 -7.56
C TRP B 144 0.69 31.40 -8.97
N ALA B 145 -0.38 30.83 -9.53
CA ALA B 145 -0.33 30.10 -10.79
C ALA B 145 0.55 30.79 -11.84
N LEU B 146 0.49 32.11 -11.94
CA LEU B 146 1.13 32.71 -13.11
C LEU B 146 2.58 33.00 -12.78
N GLU B 147 2.87 33.23 -11.50
CA GLU B 147 4.09 33.92 -11.14
C GLU B 147 5.13 32.88 -10.76
N LEU B 148 4.72 31.62 -10.74
CA LEU B 148 5.57 30.51 -10.29
C LEU B 148 6.25 29.79 -11.46
N ASN B 149 6.35 30.40 -12.64
CA ASN B 149 7.00 29.78 -13.78
C ASN B 149 8.21 30.54 -14.24
N THR B 150 8.76 31.36 -13.38
CA THR B 150 9.99 32.07 -13.74
C THR B 150 11.16 31.08 -13.83
N ALA B 151 11.07 29.92 -13.16
CA ALA B 151 12.08 28.86 -13.23
C ALA B 151 13.51 29.39 -13.26
N ILE B 152 13.79 30.43 -12.45
CA ILE B 152 15.13 30.98 -12.32
C ILE B 152 16.08 29.92 -11.73
N PRO B 153 17.22 29.65 -12.38
CA PRO B 153 18.19 28.71 -11.81
C PRO B 153 18.67 29.29 -10.47
N GLY B 154 18.63 28.47 -9.42
CA GLY B 154 19.06 28.89 -8.09
C GLY B 154 17.87 29.26 -7.21
N ASP B 155 16.72 29.42 -7.84
CA ASP B 155 15.52 29.72 -7.10
C ASP B 155 14.85 28.43 -6.61
N LYS B 156 14.59 28.37 -5.31
CA LYS B 156 14.03 27.21 -4.61
C LYS B 156 12.52 27.34 -4.43
N ARG B 157 11.99 28.55 -4.68
CA ARG B 157 10.54 28.76 -4.63
C ARG B 157 9.89 27.83 -5.65
N ASP B 158 8.80 27.12 -5.25
CA ASP B 158 7.97 26.41 -6.22
C ASP B 158 8.75 25.26 -6.89
N THR B 159 9.51 24.54 -6.05
CA THR B 159 10.35 23.42 -6.45
C THR B 159 9.92 22.20 -5.62
N SER B 160 10.20 21.01 -6.19
CA SER B 160 10.21 19.77 -5.44
C SER B 160 11.40 18.94 -5.97
N THR B 161 11.40 17.62 -5.74
CA THR B 161 12.36 16.65 -6.28
C THR B 161 11.58 15.55 -7.02
N PRO B 162 12.09 14.99 -8.13
CA PRO B 162 11.37 13.90 -8.81
C PRO B 162 10.95 12.76 -7.89
N LYS B 163 11.74 12.54 -6.82
CA LYS B 163 11.45 11.45 -5.88
C LYS B 163 10.16 11.73 -5.12
N ALA B 164 10.14 12.94 -4.55
CA ALA B 164 9.08 13.47 -3.71
C ALA B 164 7.83 13.49 -4.55
N VAL B 165 8.01 13.82 -5.82
CA VAL B 165 6.84 13.99 -6.66
C VAL B 165 6.16 12.63 -6.82
N ALA B 166 6.95 11.61 -7.18
CA ALA B 166 6.51 10.25 -7.43
C ALA B 166 5.84 9.69 -6.18
N ASN B 167 6.56 9.81 -5.05
CA ASN B 167 6.10 9.21 -3.82
C ASN B 167 4.68 9.71 -3.60
N SER B 168 4.58 11.05 -3.69
CA SER B 168 3.34 11.75 -3.40
C SER B 168 2.26 11.32 -4.35
N LEU B 169 2.58 11.23 -5.65
CA LEU B 169 1.61 10.73 -6.64
C LEU B 169 1.10 9.33 -6.26
N ASN B 170 2.05 8.44 -5.94
CA ASN B 170 1.73 7.10 -5.48
C ASN B 170 0.78 7.12 -4.26
N LYS B 171 1.09 7.95 -3.23
CA LYS B 171 0.25 8.01 -2.04
C LYS B 171 -1.17 8.45 -2.41
N LEU B 172 -1.27 9.31 -3.41
CA LEU B 172 -2.53 10.00 -3.67
C LEU B 172 -3.41 9.20 -4.62
N ALA B 173 -2.73 8.69 -5.68
CA ALA B 173 -3.32 8.01 -6.83
C ALA B 173 -3.57 6.56 -6.50
N LEU B 174 -2.69 5.94 -5.71
CA LEU B 174 -2.78 4.51 -5.43
C LEU B 174 -2.91 4.25 -3.92
N GLY B 175 -2.43 5.16 -3.07
CA GLY B 175 -2.31 4.83 -1.66
C GLY B 175 -3.65 5.07 -0.98
N ASN B 176 -3.63 5.53 0.28
CA ASN B 176 -4.79 5.43 1.16
C ASN B 176 -5.24 6.82 1.63
N VAL B 177 -4.71 7.89 1.01
CA VAL B 177 -5.05 9.25 1.44
C VAL B 177 -6.51 9.57 1.08
N LEU B 178 -6.96 9.14 -0.11
CA LEU B 178 -8.35 9.34 -0.51
C LEU B 178 -9.10 8.01 -0.33
N ASN B 179 -10.36 8.04 0.14
CA ASN B 179 -11.15 6.81 0.25
C ASN B 179 -11.39 6.27 -1.15
N ALA B 180 -12.19 5.22 -1.30
CA ALA B 180 -12.31 4.53 -2.58
C ALA B 180 -13.07 5.36 -3.61
N LYS B 181 -14.24 5.91 -3.22
CA LYS B 181 -15.04 6.63 -4.19
C LYS B 181 -14.22 7.77 -4.79
N VAL B 182 -13.49 8.46 -3.91
CA VAL B 182 -12.90 9.72 -4.28
C VAL B 182 -11.56 9.51 -4.98
N LYS B 183 -10.79 8.54 -4.49
CA LYS B 183 -9.61 8.06 -5.19
C LYS B 183 -9.98 7.74 -6.65
N ALA B 184 -11.10 7.03 -6.90
CA ALA B 184 -11.54 6.67 -8.24
C ALA B 184 -11.71 7.92 -9.10
N ILE B 185 -12.38 8.93 -8.53
CA ILE B 185 -12.52 10.20 -9.24
C ILE B 185 -11.14 10.82 -9.53
N TYR B 186 -10.23 10.81 -8.56
CA TYR B 186 -8.91 11.37 -8.78
C TYR B 186 -8.21 10.70 -9.96
N GLN B 187 -8.27 9.38 -9.99
CA GLN B 187 -7.66 8.65 -11.06
C GLN B 187 -8.33 8.96 -12.40
N ASN B 188 -9.66 9.01 -12.39
CA ASN B 188 -10.31 9.31 -13.65
C ASN B 188 -9.79 10.65 -14.10
N TRP B 189 -9.56 11.58 -13.16
CA TRP B 189 -9.20 12.89 -13.65
C TRP B 189 -7.82 12.84 -14.31
N LEU B 190 -6.92 12.10 -13.64
CA LEU B 190 -5.56 12.00 -14.13
C LEU B 190 -5.59 11.32 -15.48
N LYS B 191 -6.46 10.33 -15.63
CA LYS B 191 -6.50 9.60 -16.88
C LYS B 191 -6.96 10.51 -18.02
N GLY B 192 -7.75 11.56 -17.71
CA GLY B 192 -8.28 12.39 -18.79
C GLY B 192 -7.45 13.66 -19.02
N ASN B 193 -6.27 13.75 -18.41
CA ASN B 193 -5.42 14.88 -18.68
C ASN B 193 -5.18 15.03 -20.20
N THR B 194 -5.09 16.26 -20.71
CA THR B 194 -5.04 16.35 -22.16
C THR B 194 -3.76 17.00 -22.70
N THR B 195 -2.85 17.34 -21.80
CA THR B 195 -1.69 18.13 -22.20
C THR B 195 -0.42 17.30 -22.26
N GLY B 196 -0.52 15.96 -22.14
CA GLY B 196 0.61 15.07 -21.95
C GLY B 196 0.83 14.07 -23.09
N ASP B 197 0.19 14.25 -24.24
CA ASP B 197 0.29 13.29 -25.32
C ASP B 197 1.74 13.06 -25.82
N ALA B 198 2.58 14.10 -25.74
CA ALA B 198 3.92 13.99 -26.30
C ALA B 198 4.94 13.68 -25.18
N ARG B 199 4.48 13.30 -23.96
CA ARG B 199 5.42 13.12 -22.86
C ARG B 199 5.52 11.65 -22.40
N ILE B 200 5.09 11.37 -21.17
CA ILE B 200 5.09 10.02 -20.63
C ILE B 200 4.17 9.11 -21.43
N ARG B 201 3.03 9.65 -21.90
CA ARG B 201 2.12 8.91 -22.75
C ARG B 201 2.83 8.35 -23.97
N ALA B 202 3.75 9.11 -24.61
CA ALA B 202 4.36 8.74 -25.88
C ALA B 202 5.36 7.62 -25.64
N SER B 203 5.61 7.29 -24.39
CA SER B 203 6.64 6.32 -24.04
C SER B 203 6.05 4.94 -23.80
N VAL B 204 4.74 4.73 -23.79
CA VAL B 204 4.30 3.39 -23.36
C VAL B 204 3.38 2.75 -24.40
N PRO B 205 3.24 1.42 -24.42
CA PRO B 205 2.27 0.85 -25.37
C PRO B 205 0.92 1.55 -25.23
N ALA B 206 0.19 1.70 -26.34
CA ALA B 206 -1.05 2.47 -26.40
C ALA B 206 -2.21 1.74 -25.73
N ASP B 207 -2.03 0.49 -25.25
CA ASP B 207 -3.04 -0.13 -24.40
C ASP B 207 -2.63 -0.08 -22.91
N TRP B 208 -1.52 0.58 -22.62
CA TRP B 208 -1.37 0.95 -21.23
C TRP B 208 -2.24 2.17 -20.89
N VAL B 209 -2.89 2.12 -19.72
CA VAL B 209 -3.68 3.27 -19.29
C VAL B 209 -2.80 4.23 -18.47
N VAL B 210 -2.97 5.54 -18.71
CA VAL B 210 -2.09 6.52 -18.12
C VAL B 210 -2.93 7.65 -17.50
N GLY B 211 -2.58 8.06 -16.28
CA GLY B 211 -3.01 9.36 -15.76
C GLY B 211 -1.79 10.28 -15.56
N ASP B 212 -1.88 11.56 -15.95
CA ASP B 212 -0.67 12.36 -15.83
C ASP B 212 -1.02 13.83 -15.52
N LYS B 213 0.00 14.59 -15.16
CA LYS B 213 -0.09 16.04 -15.17
C LYS B 213 1.25 16.63 -15.65
N THR B 214 1.19 17.52 -16.65
CA THR B 214 2.40 18.13 -17.15
C THR B 214 2.69 19.46 -16.41
N GLY B 215 3.85 20.06 -16.69
CA GLY B 215 4.18 21.43 -16.38
C GLY B 215 5.07 21.95 -17.50
N SER B 216 4.86 23.21 -17.93
CA SER B 216 5.72 23.89 -18.90
C SER B 216 5.88 25.34 -18.47
N CYS B 217 7.02 25.64 -17.85
CA CYS B 217 7.30 26.94 -17.28
C CYS B 217 7.34 28.00 -18.37
N GLY B 218 7.77 27.62 -19.58
CA GLY B 218 7.90 28.56 -20.68
C GLY B 218 9.22 29.30 -20.54
N ALA B 219 10.08 28.84 -19.62
CA ALA B 219 11.35 29.54 -19.46
C ALA B 219 12.41 28.55 -18.99
N TYR B 220 13.63 28.78 -19.46
CA TYR B 220 14.75 27.94 -19.04
C TYR B 220 14.55 26.49 -19.53
N GLY B 221 13.79 26.30 -20.61
CA GLY B 221 13.47 25.01 -21.18
C GLY B 221 12.87 24.07 -20.13
N THR B 222 12.13 24.63 -19.17
CA THR B 222 11.77 23.86 -18.00
C THR B 222 10.43 23.19 -18.23
N ALA B 223 10.39 21.84 -18.15
CA ALA B 223 9.20 21.06 -18.44
C ALA B 223 9.23 19.77 -17.61
N ASN B 224 8.07 19.20 -17.30
CA ASN B 224 8.00 17.97 -16.53
C ASN B 224 6.77 17.13 -16.87
N ASP B 225 6.79 15.85 -16.51
CA ASP B 225 5.55 15.13 -16.44
C ASP B 225 5.57 14.18 -15.24
N TYR B 226 4.42 13.85 -14.66
CA TYR B 226 4.40 12.68 -13.81
C TYR B 226 3.14 11.88 -14.09
N ALA B 227 3.24 10.54 -13.92
CA ALA B 227 2.25 9.59 -14.44
C ALA B 227 2.10 8.41 -13.50
N VAL B 228 0.85 7.98 -13.33
CA VAL B 228 0.48 6.65 -12.90
C VAL B 228 0.13 5.91 -14.18
N ILE B 229 0.69 4.68 -14.29
CA ILE B 229 0.61 3.87 -15.49
C ILE B 229 0.12 2.49 -15.07
N TRP B 230 -0.97 2.03 -15.72
CA TRP B 230 -1.49 0.68 -15.58
C TRP B 230 -1.13 -0.20 -16.77
N PRO B 231 0.01 -0.95 -16.81
CA PRO B 231 0.22 -1.93 -17.89
C PRO B 231 -0.95 -2.89 -17.83
N LYS B 232 -1.29 -3.50 -18.95
CA LYS B 232 -2.33 -4.51 -18.90
C LYS B 232 -1.78 -5.77 -18.19
N ASN B 233 -2.65 -6.32 -17.32
CA ASN B 233 -2.38 -7.55 -16.58
C ASN B 233 -1.08 -7.40 -15.76
N ARG B 234 -0.99 -6.34 -14.92
CA ARG B 234 0.22 -6.04 -14.14
C ARG B 234 0.06 -4.74 -13.36
N ALA B 235 0.81 -4.70 -12.24
CA ALA B 235 0.73 -3.70 -11.20
C ALA B 235 1.13 -2.33 -11.77
N PRO B 236 0.48 -1.23 -11.37
CA PRO B 236 0.86 0.07 -11.93
C PRO B 236 2.33 0.48 -11.66
N LEU B 237 2.88 1.35 -12.52
CA LEU B 237 4.16 2.02 -12.34
C LEU B 237 3.93 3.49 -12.01
N ILE B 238 4.92 4.15 -11.37
CA ILE B 238 4.89 5.58 -11.19
C ILE B 238 6.12 6.14 -11.91
N VAL B 239 5.91 7.20 -12.72
CA VAL B 239 7.00 7.84 -13.42
C VAL B 239 6.87 9.34 -13.18
N SER B 240 8.01 9.94 -12.85
CA SER B 240 8.17 11.35 -12.50
C SER B 240 9.39 11.84 -13.28
N ILE B 241 9.20 12.83 -14.17
CA ILE B 241 10.26 13.34 -15.04
C ILE B 241 10.30 14.87 -15.00
N TYR B 242 11.41 15.47 -14.53
CA TYR B 242 11.53 16.93 -14.44
C TYR B 242 12.75 17.32 -15.25
N THR B 243 12.66 18.41 -16.04
CA THR B 243 13.86 18.87 -16.73
C THR B 243 14.01 20.40 -16.57
N THR B 244 15.22 20.91 -16.84
CA THR B 244 15.46 22.36 -16.91
C THR B 244 16.58 22.61 -17.94
N ARG B 245 16.89 23.90 -18.18
CA ARG B 245 17.98 24.24 -19.08
C ARG B 245 18.78 25.43 -18.56
N LYS B 246 19.95 25.65 -19.17
CA LYS B 246 20.98 26.62 -18.76
C LYS B 246 20.55 28.07 -19.03
N SER B 247 19.97 28.34 -20.23
CA SER B 247 19.61 29.69 -20.68
C SER B 247 18.10 29.98 -20.64
N LYS B 248 17.73 31.24 -20.38
CA LYS B 248 16.32 31.59 -20.24
C LYS B 248 15.52 31.11 -21.47
N ASP B 249 16.20 31.18 -22.61
CA ASP B 249 15.59 31.23 -23.94
C ASP B 249 15.48 29.85 -24.56
N ASP B 250 16.18 28.89 -23.94
CA ASP B 250 16.08 27.46 -24.24
C ASP B 250 14.61 27.06 -24.17
N LYS B 251 14.15 26.37 -25.21
CA LYS B 251 12.81 25.80 -25.24
C LYS B 251 12.86 24.40 -24.61
N HIS B 252 11.73 23.93 -24.06
CA HIS B 252 11.68 22.63 -23.44
C HIS B 252 11.69 21.58 -24.55
N SER B 253 11.89 20.31 -24.18
CA SER B 253 11.91 19.16 -25.08
C SER B 253 10.97 18.04 -24.61
N ASP B 254 9.79 17.95 -25.25
CA ASP B 254 8.84 16.84 -25.11
C ASP B 254 9.51 15.49 -25.37
N LYS B 255 10.44 15.46 -26.29
CA LYS B 255 10.94 14.18 -26.74
C LYS B 255 11.99 13.72 -25.76
N THR B 256 12.66 14.67 -25.11
CA THR B 256 13.61 14.35 -24.07
C THR B 256 12.84 13.73 -22.89
N ILE B 257 11.73 14.36 -22.49
CA ILE B 257 10.91 13.83 -21.43
C ILE B 257 10.44 12.42 -21.81
N ALA B 258 9.95 12.26 -23.04
CA ALA B 258 9.42 10.98 -23.51
C ALA B 258 10.52 9.92 -23.49
N GLU B 259 11.73 10.32 -23.90
CA GLU B 259 12.87 9.39 -23.97
C GLU B 259 13.29 8.99 -22.56
N ALA B 260 13.34 9.96 -21.67
CA ALA B 260 13.75 9.73 -20.29
C ALA B 260 12.75 8.79 -19.66
N SER B 261 11.49 8.94 -20.04
CA SER B 261 10.48 8.07 -19.51
C SER B 261 10.74 6.63 -19.96
N ARG B 262 11.14 6.43 -21.23
CA ARG B 262 11.30 5.09 -21.77
C ARG B 262 12.43 4.44 -20.99
N ILE B 263 13.52 5.19 -20.83
CA ILE B 263 14.70 4.75 -20.10
C ILE B 263 14.35 4.38 -18.67
N ALA B 264 13.50 5.16 -18.03
CA ALA B 264 13.19 4.94 -16.62
C ALA B 264 12.37 3.67 -16.51
N ILE B 265 11.45 3.47 -17.45
CA ILE B 265 10.55 2.35 -17.43
C ILE B 265 11.29 1.04 -17.65
N GLN B 266 12.33 1.09 -18.50
CA GLN B 266 13.18 -0.08 -18.78
C GLN B 266 13.93 -0.50 -17.52
N ALA B 267 14.46 0.52 -16.83
CA ALA B 267 15.22 0.37 -15.62
C ALA B 267 14.42 -0.37 -14.52
N ILE B 268 13.07 -0.24 -14.47
CA ILE B 268 12.23 -0.83 -13.43
C ILE B 268 11.39 -1.95 -14.02
N ASP B 269 11.68 -2.41 -15.22
CA ASP B 269 10.88 -3.49 -15.81
C ASP B 269 11.29 -4.88 -15.26
#